data_2RND
#
_entry.id   2RND
#
_entity_poly.entity_id   1
_entity_poly.type   'polypeptide(L)'
_entity_poly.pdbx_seq_one_letter_code
;MAEMGSKGVTAGKIASNVQKKLTRAQEKVLQKLY
;
_entity_poly.pdbx_strand_id   A
#
# COMPACT_ATOMS: atom_id res chain seq x y z
N MET A 1 14.47 22.75 -0.77
CA MET A 1 13.20 23.34 -0.26
C MET A 1 12.01 22.82 -1.06
N ALA A 2 12.28 22.29 -2.24
CA ALA A 2 11.23 21.76 -3.10
C ALA A 2 11.26 20.25 -3.14
N GLU A 3 10.16 19.61 -2.75
CA GLU A 3 10.07 18.16 -2.74
C GLU A 3 9.46 17.64 -4.04
N MET A 4 10.11 17.95 -5.16
CA MET A 4 9.63 17.51 -6.47
C MET A 4 10.64 16.56 -7.11
N GLY A 5 11.88 16.59 -6.63
CA GLY A 5 12.90 15.72 -7.16
C GLY A 5 12.53 14.25 -7.09
N SER A 6 11.87 13.87 -6.00
CA SER A 6 11.45 12.48 -5.79
C SER A 6 12.65 11.54 -5.84
N LYS A 7 13.19 11.21 -4.67
CA LYS A 7 14.34 10.32 -4.59
C LYS A 7 14.00 9.08 -3.77
N GLY A 8 12.72 8.84 -3.57
CA GLY A 8 12.29 7.68 -2.79
C GLY A 8 11.05 7.03 -3.36
N VAL A 9 10.59 7.52 -4.51
CA VAL A 9 9.41 6.97 -5.15
C VAL A 9 9.55 5.48 -5.39
N THR A 10 10.75 5.07 -5.81
CA THR A 10 11.04 3.68 -6.09
C THR A 10 11.26 2.89 -4.80
N ALA A 11 11.93 3.52 -3.85
CA ALA A 11 12.23 2.89 -2.57
C ALA A 11 10.94 2.58 -1.83
N GLY A 12 9.89 3.31 -2.18
CA GLY A 12 8.59 3.09 -1.54
C GLY A 12 7.62 2.45 -2.50
N LYS A 13 7.98 2.45 -3.78
CA LYS A 13 7.15 1.85 -4.80
C LYS A 13 6.92 0.40 -4.44
N ILE A 14 7.97 -0.22 -3.94
CA ILE A 14 7.94 -1.60 -3.51
C ILE A 14 6.89 -1.78 -2.41
N ALA A 15 6.83 -0.78 -1.52
CA ALA A 15 5.88 -0.81 -0.42
C ALA A 15 4.46 -0.65 -0.91
N SER A 16 4.25 0.30 -1.81
CA SER A 16 2.94 0.53 -2.37
C SER A 16 2.46 -0.73 -3.08
N ASN A 17 3.44 -1.55 -3.49
CA ASN A 17 3.13 -2.80 -4.17
C ASN A 17 2.62 -3.84 -3.19
N VAL A 18 3.26 -3.92 -2.02
CA VAL A 18 2.85 -4.88 -0.99
C VAL A 18 1.58 -4.41 -0.31
N GLN A 19 1.39 -3.09 -0.23
CA GLN A 19 0.20 -2.53 0.39
C GLN A 19 -1.02 -2.77 -0.47
N LYS A 20 -0.82 -2.87 -1.77
CA LYS A 20 -1.91 -3.11 -2.70
C LYS A 20 -2.49 -4.50 -2.46
N LYS A 21 -1.64 -5.41 -1.99
CA LYS A 21 -2.05 -6.77 -1.68
C LYS A 21 -2.93 -6.78 -0.46
N LEU A 22 -2.75 -5.77 0.39
CA LEU A 22 -3.53 -5.64 1.62
C LEU A 22 -4.96 -5.22 1.32
N THR A 23 -5.13 -4.44 0.26
CA THR A 23 -6.44 -3.97 -0.14
C THR A 23 -7.34 -5.14 -0.54
N ARG A 24 -6.81 -6.01 -1.40
CA ARG A 24 -7.56 -7.19 -1.85
C ARG A 24 -8.06 -7.98 -0.66
N ALA A 25 -7.21 -8.10 0.35
CA ALA A 25 -7.56 -8.80 1.57
C ALA A 25 -8.49 -7.95 2.42
N GLN A 26 -8.27 -6.65 2.35
CA GLN A 26 -9.06 -5.69 3.10
C GLN A 26 -10.53 -5.74 2.67
N GLU A 27 -10.76 -6.05 1.40
CA GLU A 27 -12.10 -6.14 0.86
C GLU A 27 -12.82 -7.38 1.38
N LYS A 28 -12.06 -8.46 1.55
CA LYS A 28 -12.59 -9.70 2.05
C LYS A 28 -13.03 -9.58 3.50
N VAL A 29 -12.13 -9.10 4.34
CA VAL A 29 -12.39 -8.93 5.76
C VAL A 29 -13.53 -7.94 6.01
N LEU A 30 -13.55 -6.87 5.21
CA LEU A 30 -14.58 -5.84 5.34
C LEU A 30 -15.98 -6.42 5.24
N GLN A 31 -16.12 -7.54 4.52
CA GLN A 31 -17.42 -8.17 4.32
C GLN A 31 -17.79 -9.14 5.45
N LYS A 32 -16.79 -9.71 6.11
CA LYS A 32 -17.05 -10.66 7.18
C LYS A 32 -17.09 -9.97 8.54
N LEU A 33 -16.18 -9.02 8.76
CA LEU A 33 -16.13 -8.28 10.01
C LEU A 33 -17.35 -7.38 10.16
N TYR A 34 -17.65 -6.63 9.09
CA TYR A 34 -18.79 -5.73 9.08
C TYR A 34 -19.95 -6.32 8.27
N MET A 1 11.65 21.40 6.89
CA MET A 1 13.02 21.78 6.50
C MET A 1 13.73 20.62 5.80
N ALA A 2 13.47 19.40 6.29
CA ALA A 2 14.08 18.21 5.72
C ALA A 2 13.01 17.22 5.25
N GLU A 3 12.02 17.74 4.52
CA GLU A 3 10.94 16.91 4.01
C GLU A 3 10.79 17.09 2.50
N MET A 4 11.71 16.51 1.75
CA MET A 4 11.69 16.60 0.29
C MET A 4 10.40 15.97 -0.27
N GLY A 5 9.97 16.47 -1.43
CA GLY A 5 8.75 15.95 -2.05
C GLY A 5 8.77 14.44 -2.15
N SER A 6 9.59 13.91 -3.06
CA SER A 6 9.69 12.47 -3.24
C SER A 6 10.52 11.84 -2.14
N LYS A 7 9.87 11.55 -1.01
CA LYS A 7 10.54 10.95 0.13
C LYS A 7 10.16 9.49 0.28
N GLY A 8 9.72 8.88 -0.82
CA GLY A 8 9.34 7.49 -0.80
C GLY A 8 8.54 7.08 -2.02
N VAL A 9 8.79 7.75 -3.14
CA VAL A 9 8.08 7.44 -4.38
C VAL A 9 8.62 6.16 -5.01
N THR A 10 9.93 5.95 -4.88
CA THR A 10 10.58 4.77 -5.43
C THR A 10 10.88 3.76 -4.34
N ALA A 11 11.39 4.25 -3.21
CA ALA A 11 11.73 3.39 -2.08
C ALA A 11 10.47 2.84 -1.44
N GLY A 12 9.36 3.53 -1.67
CA GLY A 12 8.09 3.08 -1.13
C GLY A 12 7.23 2.48 -2.19
N LYS A 13 7.66 2.65 -3.45
CA LYS A 13 6.93 2.10 -4.58
C LYS A 13 6.80 0.60 -4.39
N ILE A 14 7.90 0.00 -3.95
CA ILE A 14 7.95 -1.42 -3.68
C ILE A 14 6.88 -1.79 -2.67
N ALA A 15 6.70 -0.92 -1.68
CA ALA A 15 5.71 -1.16 -0.63
C ALA A 15 4.31 -1.01 -1.18
N SER A 16 4.09 0.00 -2.01
CA SER A 16 2.79 0.22 -2.62
C SER A 16 2.43 -0.98 -3.48
N ASN A 17 3.47 -1.70 -3.92
CA ASN A 17 3.27 -2.88 -4.75
C ASN A 17 2.78 -4.05 -3.90
N VAL A 18 3.37 -4.23 -2.73
CA VAL A 18 2.98 -5.30 -1.83
C VAL A 18 1.67 -4.98 -1.13
N GLN A 19 1.42 -3.69 -0.94
CA GLN A 19 0.20 -3.25 -0.28
C GLN A 19 -1.02 -3.52 -1.16
N LYS A 20 -0.81 -3.48 -2.48
CA LYS A 20 -1.89 -3.73 -3.42
C LYS A 20 -2.36 -5.17 -3.29
N LYS A 21 -1.42 -6.07 -3.05
CA LYS A 21 -1.74 -7.49 -2.88
C LYS A 21 -2.46 -7.71 -1.55
N LEU A 22 -2.35 -6.73 -0.65
CA LEU A 22 -2.98 -6.80 0.65
C LEU A 22 -4.41 -6.29 0.61
N THR A 23 -4.64 -5.23 -0.16
CA THR A 23 -5.96 -4.63 -0.30
C THR A 23 -7.00 -5.70 -0.66
N ARG A 24 -6.65 -6.57 -1.61
CA ARG A 24 -7.56 -7.63 -2.03
C ARG A 24 -8.04 -8.42 -0.82
N ALA A 25 -7.11 -8.65 0.11
CA ALA A 25 -7.41 -9.37 1.33
C ALA A 25 -8.15 -8.47 2.31
N GLN A 26 -7.80 -7.19 2.27
CA GLN A 26 -8.41 -6.19 3.14
C GLN A 26 -9.89 -6.03 2.82
N GLU A 27 -10.27 -6.27 1.57
CA GLU A 27 -11.65 -6.16 1.16
C GLU A 27 -12.47 -7.33 1.69
N LYS A 28 -11.85 -8.50 1.73
CA LYS A 28 -12.49 -9.71 2.22
C LYS A 28 -12.95 -9.54 3.66
N VAL A 29 -12.07 -9.05 4.50
CA VAL A 29 -12.37 -8.84 5.92
C VAL A 29 -13.33 -7.68 6.13
N LEU A 30 -13.10 -6.59 5.41
CA LEU A 30 -13.92 -5.39 5.53
C LEU A 30 -15.42 -5.68 5.31
N GLN A 31 -15.72 -6.71 4.53
CA GLN A 31 -17.11 -7.07 4.26
C GLN A 31 -17.70 -7.99 5.32
N LYS A 32 -16.84 -8.72 6.01
CA LYS A 32 -17.31 -9.64 7.05
C LYS A 32 -17.12 -9.06 8.45
N LEU A 33 -16.40 -7.95 8.54
CA LEU A 33 -16.15 -7.29 9.81
C LEU A 33 -17.06 -6.09 9.98
N TYR A 34 -17.36 -5.43 8.86
CA TYR A 34 -18.23 -4.26 8.88
C TYR A 34 -19.55 -4.54 8.17
N MET A 1 12.57 15.67 6.27
CA MET A 1 11.13 15.34 6.38
C MET A 1 10.28 16.61 6.44
N ALA A 2 10.89 17.74 6.13
CA ALA A 2 10.19 19.02 6.15
C ALA A 2 9.97 19.55 4.73
N GLU A 3 10.43 18.79 3.75
CA GLU A 3 10.28 19.19 2.35
C GLU A 3 9.13 18.41 1.69
N MET A 4 8.34 19.11 0.88
CA MET A 4 7.22 18.49 0.20
C MET A 4 7.59 18.13 -1.24
N GLY A 5 7.86 16.85 -1.48
CA GLY A 5 8.21 16.40 -2.80
C GLY A 5 7.98 14.92 -2.99
N SER A 6 9.06 14.14 -2.99
CA SER A 6 8.96 12.70 -3.15
C SER A 6 9.09 11.99 -1.81
N LYS A 7 7.97 11.90 -1.09
CA LYS A 7 7.95 11.25 0.22
C LYS A 7 7.84 9.74 0.08
N GLY A 8 8.97 9.09 -0.11
CA GLY A 8 9.00 7.64 -0.26
C GLY A 8 8.15 7.17 -1.43
N VAL A 9 8.20 7.91 -2.53
CA VAL A 9 7.45 7.58 -3.72
C VAL A 9 8.00 6.33 -4.40
N THR A 10 9.33 6.17 -4.32
CA THR A 10 9.99 5.02 -4.93
C THR A 10 10.36 3.98 -3.88
N ALA A 11 10.86 4.45 -2.74
CA ALA A 11 11.26 3.56 -1.66
C ALA A 11 10.04 2.92 -1.02
N GLY A 12 8.90 3.57 -1.19
CA GLY A 12 7.66 3.04 -0.65
C GLY A 12 6.80 2.46 -1.74
N LYS A 13 7.19 2.72 -2.99
CA LYS A 13 6.47 2.20 -4.13
C LYS A 13 6.41 0.69 -4.04
N ILE A 14 7.53 0.12 -3.60
CA ILE A 14 7.65 -1.30 -3.41
C ILE A 14 6.62 -1.79 -2.40
N ALA A 15 6.40 -0.97 -1.38
CA ALA A 15 5.46 -1.29 -0.32
C ALA A 15 4.03 -1.23 -0.84
N SER A 16 3.73 -0.16 -1.59
CA SER A 16 2.40 0.00 -2.16
C SER A 16 2.11 -1.15 -3.12
N ASN A 17 3.18 -1.78 -3.59
CA ASN A 17 3.06 -2.91 -4.51
C ASN A 17 2.61 -4.15 -3.76
N VAL A 18 3.25 -4.40 -2.61
CA VAL A 18 2.89 -5.55 -1.79
C VAL A 18 1.54 -5.33 -1.13
N GLN A 19 1.21 -4.07 -0.88
CA GLN A 19 -0.05 -3.73 -0.25
C GLN A 19 -1.22 -4.03 -1.18
N LYS A 20 -0.97 -3.95 -2.48
CA LYS A 20 -2.00 -4.24 -3.47
C LYS A 20 -2.43 -5.70 -3.37
N LYS A 21 -1.46 -6.56 -3.11
CA LYS A 21 -1.71 -7.98 -2.96
C LYS A 21 -2.46 -8.25 -1.65
N LEU A 22 -2.41 -7.27 -0.75
CA LEU A 22 -3.07 -7.36 0.53
C LEU A 22 -4.50 -6.83 0.46
N THR A 23 -4.69 -5.77 -0.33
CA THR A 23 -5.99 -5.16 -0.51
C THR A 23 -7.04 -6.20 -0.87
N ARG A 24 -6.70 -7.10 -1.79
CA ARG A 24 -7.61 -8.15 -2.21
C ARG A 24 -8.12 -8.91 -0.99
N ALA A 25 -7.23 -9.14 -0.04
CA ALA A 25 -7.58 -9.83 1.20
C ALA A 25 -8.34 -8.90 2.12
N GLN A 26 -7.96 -7.63 2.08
CA GLN A 26 -8.60 -6.60 2.90
C GLN A 26 -10.07 -6.43 2.52
N GLU A 27 -10.39 -6.70 1.27
CA GLU A 27 -11.76 -6.57 0.78
C GLU A 27 -12.70 -7.51 1.53
N LYS A 28 -12.23 -8.72 1.78
CA LYS A 28 -13.01 -9.73 2.48
C LYS A 28 -13.35 -9.30 3.91
N VAL A 29 -12.31 -8.98 4.68
CA VAL A 29 -12.47 -8.57 6.07
C VAL A 29 -13.30 -7.30 6.20
N LEU A 30 -13.05 -6.34 5.31
CA LEU A 30 -13.76 -5.07 5.31
C LEU A 30 -15.27 -5.24 5.25
N GLN A 31 -15.72 -6.32 4.65
CA GLN A 31 -17.15 -6.58 4.50
C GLN A 31 -17.75 -7.30 5.70
N LYS A 32 -16.92 -8.03 6.43
CA LYS A 32 -17.39 -8.78 7.59
C LYS A 32 -17.11 -8.03 8.89
N LEU A 33 -16.21 -7.07 8.84
CA LEU A 33 -15.85 -6.29 10.01
C LEU A 33 -16.57 -4.94 9.99
N TYR A 34 -16.72 -4.38 8.80
CA TYR A 34 -17.39 -3.11 8.63
C TYR A 34 -18.55 -3.22 7.65
N MET A 1 21.14 1.02 -3.43
CA MET A 1 20.73 -0.08 -4.33
C MET A 1 19.41 0.24 -5.02
N ALA A 2 18.55 0.98 -4.33
CA ALA A 2 17.25 1.35 -4.88
C ALA A 2 17.05 2.87 -4.83
N GLU A 3 18.11 3.58 -4.45
CA GLU A 3 18.05 5.04 -4.37
C GLU A 3 18.56 5.69 -5.65
N MET A 4 17.64 6.23 -6.44
CA MET A 4 17.99 6.87 -7.70
C MET A 4 17.79 8.38 -7.61
N GLY A 5 17.31 8.85 -6.46
CA GLY A 5 17.09 10.26 -6.27
C GLY A 5 15.66 10.58 -5.84
N SER A 6 14.73 9.73 -6.26
CA SER A 6 13.32 9.92 -5.92
C SER A 6 13.11 9.89 -4.41
N LYS A 7 13.68 8.88 -3.77
CA LYS A 7 13.58 8.72 -2.33
C LYS A 7 12.13 8.87 -1.86
N GLY A 8 11.35 7.81 -2.04
CA GLY A 8 9.96 7.85 -1.63
C GLY A 8 9.02 7.25 -2.66
N VAL A 9 9.19 7.67 -3.91
CA VAL A 9 8.36 7.16 -5.00
C VAL A 9 8.82 5.78 -5.42
N THR A 10 10.11 5.53 -5.26
CA THR A 10 10.71 4.25 -5.61
C THR A 10 10.96 3.40 -4.37
N ALA A 11 11.48 4.03 -3.33
CA ALA A 11 11.79 3.34 -2.08
C ALA A 11 10.51 2.89 -1.40
N GLY A 12 9.41 3.56 -1.73
CA GLY A 12 8.13 3.21 -1.16
C GLY A 12 7.26 2.49 -2.17
N LYS A 13 7.72 2.50 -3.43
CA LYS A 13 7.01 1.82 -4.50
C LYS A 13 6.84 0.36 -4.12
N ILE A 14 7.92 -0.19 -3.58
CA ILE A 14 7.95 -1.56 -3.14
C ILE A 14 6.88 -1.81 -2.10
N ALA A 15 6.68 -0.82 -1.23
CA ALA A 15 5.68 -0.91 -0.17
C ALA A 15 4.28 -0.87 -0.76
N SER A 16 4.04 0.07 -1.66
CA SER A 16 2.75 0.19 -2.31
C SER A 16 2.47 -1.08 -3.11
N ASN A 17 3.53 -1.81 -3.43
CA ASN A 17 3.42 -3.05 -4.18
C ASN A 17 2.86 -4.15 -3.29
N VAL A 18 3.37 -4.23 -2.07
CA VAL A 18 2.92 -5.24 -1.12
C VAL A 18 1.57 -4.84 -0.54
N GLN A 19 1.33 -3.53 -0.46
CA GLN A 19 0.08 -3.02 0.09
C GLN A 19 -1.09 -3.31 -0.85
N LYS A 20 -0.82 -3.28 -2.14
CA LYS A 20 -1.84 -3.54 -3.15
C LYS A 20 -2.42 -4.94 -2.95
N LYS A 21 -1.55 -5.87 -2.55
CA LYS A 21 -1.96 -7.24 -2.30
C LYS A 21 -2.78 -7.33 -1.03
N LEU A 22 -2.64 -6.32 -0.18
CA LEU A 22 -3.38 -6.26 1.07
C LEU A 22 -4.74 -5.64 0.87
N THR A 23 -4.87 -4.87 -0.22
CA THR A 23 -6.14 -4.23 -0.56
C THR A 23 -7.17 -5.29 -0.97
N ARG A 24 -6.73 -6.25 -1.77
CA ARG A 24 -7.60 -7.32 -2.22
C ARG A 24 -8.10 -8.10 -1.03
N ALA A 25 -7.24 -8.24 -0.04
CA ALA A 25 -7.58 -8.92 1.20
C ALA A 25 -8.44 -8.01 2.05
N GLN A 26 -8.14 -6.71 1.95
CA GLN A 26 -8.87 -5.70 2.69
C GLN A 26 -10.36 -5.76 2.37
N GLU A 27 -10.68 -6.07 1.12
CA GLU A 27 -12.07 -6.17 0.69
C GLU A 27 -12.75 -7.38 1.31
N LYS A 28 -11.98 -8.46 1.46
CA LYS A 28 -12.50 -9.70 2.03
C LYS A 28 -12.79 -9.54 3.52
N VAL A 29 -11.86 -8.95 4.26
CA VAL A 29 -12.02 -8.75 5.69
C VAL A 29 -13.11 -7.75 6.00
N LEU A 30 -13.13 -6.65 5.27
CA LEU A 30 -14.14 -5.60 5.48
C LEU A 30 -15.55 -6.13 5.31
N GLN A 31 -15.72 -7.17 4.51
CA GLN A 31 -17.03 -7.75 4.26
C GLN A 31 -17.49 -8.66 5.40
N LYS A 32 -16.53 -9.19 6.15
CA LYS A 32 -16.85 -10.07 7.28
C LYS A 32 -16.68 -9.38 8.62
N LEU A 33 -15.99 -8.24 8.63
CA LEU A 33 -15.76 -7.49 9.85
C LEU A 33 -16.91 -6.53 10.12
N TYR A 34 -17.48 -5.99 9.06
CA TYR A 34 -18.59 -5.05 9.17
C TYR A 34 -19.85 -5.60 8.51
N MET A 1 6.17 23.51 -3.62
CA MET A 1 6.95 22.26 -3.43
C MET A 1 6.84 21.74 -2.00
N ALA A 2 5.79 22.19 -1.30
CA ALA A 2 5.55 21.78 0.07
C ALA A 2 4.43 20.75 0.15
N GLU A 3 4.80 19.47 0.05
CA GLU A 3 3.82 18.39 0.11
C GLU A 3 4.06 17.52 1.34
N MET A 4 3.03 17.41 2.18
CA MET A 4 3.13 16.61 3.39
C MET A 4 2.26 15.35 3.28
N GLY A 5 2.22 14.77 2.09
CA GLY A 5 1.43 13.58 1.87
C GLY A 5 2.26 12.41 1.39
N SER A 6 3.24 12.69 0.53
CA SER A 6 4.12 11.65 -0.01
C SER A 6 5.32 11.41 0.91
N LYS A 7 5.11 10.59 1.93
CA LYS A 7 6.18 10.28 2.88
C LYS A 7 6.98 9.07 2.41
N GLY A 8 7.92 9.30 1.50
CA GLY A 8 8.73 8.22 0.99
C GLY A 8 7.95 7.30 0.08
N VAL A 9 7.20 7.89 -0.84
CA VAL A 9 6.37 7.12 -1.78
C VAL A 9 7.20 6.09 -2.54
N THR A 10 8.42 6.45 -2.88
CA THR A 10 9.31 5.54 -3.62
C THR A 10 9.76 4.37 -2.76
N ALA A 11 10.14 4.65 -1.52
CA ALA A 11 10.58 3.62 -0.60
C ALA A 11 9.42 2.75 -0.17
N GLY A 12 8.22 3.30 -0.29
CA GLY A 12 7.03 2.57 0.06
C GLY A 12 6.30 2.10 -1.18
N LYS A 13 6.78 2.55 -2.34
CA LYS A 13 6.19 2.17 -3.60
C LYS A 13 6.23 0.66 -3.71
N ILE A 14 7.35 0.10 -3.31
CA ILE A 14 7.55 -1.34 -3.31
C ILE A 14 6.47 -1.98 -2.45
N ALA A 15 6.15 -1.33 -1.35
CA ALA A 15 5.13 -1.83 -0.44
C ALA A 15 3.75 -1.69 -1.06
N SER A 16 3.53 -0.60 -1.79
CA SER A 16 2.26 -0.37 -2.44
C SER A 16 2.05 -1.45 -3.49
N ASN A 17 3.15 -2.03 -3.95
CA ASN A 17 3.10 -3.09 -4.95
C ASN A 17 2.63 -4.40 -4.33
N VAL A 18 3.18 -4.70 -3.16
CA VAL A 18 2.83 -5.92 -2.43
C VAL A 18 1.46 -5.77 -1.76
N GLN A 19 1.10 -4.54 -1.42
CA GLN A 19 -0.17 -4.27 -0.76
C GLN A 19 -1.33 -4.56 -1.68
N LYS A 20 -1.15 -4.28 -2.96
CA LYS A 20 -2.18 -4.53 -3.96
C LYS A 20 -2.56 -6.01 -3.97
N LYS A 21 -1.56 -6.86 -3.73
CA LYS A 21 -1.76 -8.29 -3.68
C LYS A 21 -2.56 -8.66 -2.44
N LEU A 22 -2.51 -7.77 -1.45
CA LEU A 22 -3.22 -7.97 -0.20
C LEU A 22 -4.61 -7.34 -0.26
N THR A 23 -4.74 -6.29 -1.09
CA THR A 23 -6.00 -5.58 -1.25
C THR A 23 -7.16 -6.56 -1.46
N ARG A 24 -6.95 -7.54 -2.33
CA ARG A 24 -7.97 -8.55 -2.60
C ARG A 24 -8.45 -9.18 -1.31
N ALA A 25 -7.51 -9.41 -0.41
CA ALA A 25 -7.81 -9.99 0.89
C ALA A 25 -8.42 -8.93 1.80
N GLN A 26 -7.95 -7.70 1.64
CA GLN A 26 -8.43 -6.57 2.43
C GLN A 26 -9.91 -6.32 2.19
N GLU A 27 -10.38 -6.66 0.99
CA GLU A 27 -11.78 -6.46 0.63
C GLU A 27 -12.67 -7.41 1.42
N LYS A 28 -12.16 -8.61 1.67
CA LYS A 28 -12.88 -9.62 2.43
C LYS A 28 -13.09 -9.18 3.87
N VAL A 29 -11.98 -8.89 4.55
CA VAL A 29 -12.02 -8.46 5.94
C VAL A 29 -12.82 -7.17 6.10
N LEU A 30 -12.67 -6.27 5.14
CA LEU A 30 -13.37 -4.98 5.15
C LEU A 30 -14.86 -5.17 5.35
N GLN A 31 -15.38 -6.31 4.92
CA GLN A 31 -16.81 -6.60 5.04
C GLN A 31 -17.20 -7.00 6.46
N LYS A 32 -16.26 -7.60 7.18
CA LYS A 32 -16.51 -8.03 8.55
C LYS A 32 -15.92 -7.05 9.56
N LEU A 33 -15.06 -6.17 9.09
CA LEU A 33 -14.42 -5.18 9.95
C LEU A 33 -15.30 -3.95 10.10
N TYR A 34 -15.89 -3.54 8.99
CA TYR A 34 -16.75 -2.38 8.97
C TYR A 34 -18.16 -2.75 8.53
N MET A 1 16.08 1.60 -4.11
CA MET A 1 17.13 0.79 -4.78
C MET A 1 17.96 1.67 -5.73
N ALA A 2 17.84 2.98 -5.56
CA ALA A 2 18.58 3.93 -6.39
C ALA A 2 19.07 5.11 -5.56
N GLU A 3 20.25 5.61 -5.89
CA GLU A 3 20.83 6.74 -5.18
C GLU A 3 20.54 8.05 -5.89
N MET A 4 19.60 8.03 -6.82
CA MET A 4 19.22 9.22 -7.57
C MET A 4 18.45 10.19 -6.68
N GLY A 5 17.92 9.68 -5.57
CA GLY A 5 17.16 10.51 -4.66
C GLY A 5 16.08 9.74 -3.95
N SER A 6 15.11 9.26 -4.70
CA SER A 6 13.99 8.49 -4.14
C SER A 6 13.31 9.24 -3.00
N LYS A 7 12.34 10.08 -3.35
CA LYS A 7 11.61 10.86 -2.37
C LYS A 7 10.42 10.07 -1.82
N GLY A 8 10.47 8.75 -2.01
CA GLY A 8 9.39 7.90 -1.53
C GLY A 8 8.53 7.37 -2.67
N VAL A 9 8.54 8.08 -3.79
CA VAL A 9 7.76 7.69 -4.95
C VAL A 9 8.14 6.30 -5.42
N THR A 10 9.44 6.02 -5.37
CA THR A 10 9.97 4.74 -5.78
C THR A 10 10.33 3.87 -4.58
N ALA A 11 10.93 4.49 -3.57
CA ALA A 11 11.33 3.78 -2.37
C ALA A 11 10.12 3.20 -1.66
N GLY A 12 8.97 3.80 -1.89
CA GLY A 12 7.75 3.31 -1.28
C GLY A 12 6.87 2.61 -2.30
N LYS A 13 7.22 2.77 -3.57
CA LYS A 13 6.48 2.13 -4.64
C LYS A 13 6.48 0.63 -4.40
N ILE A 14 7.63 0.14 -3.96
CA ILE A 14 7.81 -1.26 -3.64
C ILE A 14 6.82 -1.68 -2.57
N ALA A 15 6.63 -0.79 -1.59
CA ALA A 15 5.71 -1.06 -0.49
C ALA A 15 4.27 -1.07 -0.97
N SER A 16 3.94 -0.10 -1.81
CA SER A 16 2.59 -0.02 -2.36
C SER A 16 2.31 -1.25 -3.20
N ASN A 17 3.39 -1.88 -3.65
CA ASN A 17 3.29 -3.10 -4.45
C ASN A 17 2.89 -4.29 -3.58
N VAL A 18 3.52 -4.40 -2.42
CA VAL A 18 3.23 -5.48 -1.49
C VAL A 18 1.91 -5.23 -0.76
N GLN A 19 1.58 -3.95 -0.58
CA GLN A 19 0.35 -3.58 0.12
C GLN A 19 -0.86 -3.91 -0.73
N LYS A 20 -0.71 -3.81 -2.04
CA LYS A 20 -1.81 -4.11 -2.96
C LYS A 20 -2.28 -5.54 -2.78
N LYS A 21 -1.32 -6.43 -2.48
CA LYS A 21 -1.62 -7.84 -2.26
C LYS A 21 -2.37 -8.02 -0.94
N LEU A 22 -2.23 -7.05 -0.05
CA LEU A 22 -2.89 -7.09 1.24
C LEU A 22 -4.28 -6.47 1.14
N THR A 23 -4.45 -5.60 0.17
CA THR A 23 -5.73 -4.93 -0.07
C THR A 23 -6.81 -5.94 -0.42
N ARG A 24 -6.49 -6.85 -1.33
CA ARG A 24 -7.43 -7.88 -1.76
C ARG A 24 -7.97 -8.63 -0.56
N ALA A 25 -7.09 -8.91 0.38
CA ALA A 25 -7.46 -9.61 1.60
C ALA A 25 -8.17 -8.66 2.56
N GLN A 26 -7.74 -7.40 2.52
CA GLN A 26 -8.30 -6.36 3.37
C GLN A 26 -9.78 -6.14 3.04
N GLU A 27 -10.15 -6.36 1.78
CA GLU A 27 -11.53 -6.17 1.36
C GLU A 27 -12.42 -7.31 1.84
N LYS A 28 -11.85 -8.51 1.88
CA LYS A 28 -12.58 -9.69 2.33
C LYS A 28 -13.12 -9.52 3.74
N VAL A 29 -12.26 -9.06 4.65
CA VAL A 29 -12.65 -8.88 6.04
C VAL A 29 -13.62 -7.71 6.23
N LEU A 30 -13.34 -6.60 5.55
CA LEU A 30 -14.18 -5.41 5.65
C LEU A 30 -15.64 -5.70 5.27
N GLN A 31 -15.84 -6.70 4.42
CA GLN A 31 -17.19 -7.06 3.98
C GLN A 31 -17.91 -7.97 4.97
N LYS A 32 -17.14 -8.68 5.78
CA LYS A 32 -17.72 -9.60 6.77
C LYS A 32 -17.66 -9.03 8.17
N LEU A 33 -16.90 -7.96 8.36
CA LEU A 33 -16.78 -7.33 9.67
C LEU A 33 -17.83 -6.25 9.86
N TYR A 34 -18.18 -5.57 8.77
CA TYR A 34 -19.18 -4.51 8.82
C TYR A 34 -20.42 -4.90 8.02
N MET A 1 25.99 7.36 -7.34
CA MET A 1 24.89 6.41 -7.63
C MET A 1 23.62 7.15 -7.99
N ALA A 2 23.75 8.42 -8.32
CA ALA A 2 22.61 9.25 -8.70
C ALA A 2 21.55 9.27 -7.60
N GLU A 3 21.99 9.13 -6.36
CA GLU A 3 21.09 9.12 -5.21
C GLU A 3 20.53 10.52 -4.95
N MET A 4 19.29 10.74 -5.36
CA MET A 4 18.65 12.04 -5.17
C MET A 4 17.69 12.00 -3.99
N GLY A 5 16.62 11.21 -4.11
CA GLY A 5 15.64 11.09 -3.05
C GLY A 5 14.23 10.88 -3.57
N SER A 6 13.63 11.95 -4.09
CA SER A 6 12.27 11.88 -4.62
C SER A 6 11.30 11.33 -3.59
N LYS A 7 11.53 11.66 -2.33
CA LYS A 7 10.68 11.21 -1.23
C LYS A 7 10.54 9.70 -1.23
N GLY A 8 11.53 9.03 -1.81
CA GLY A 8 11.53 7.59 -1.87
C GLY A 8 10.28 7.03 -2.53
N VAL A 9 9.75 7.77 -3.49
CA VAL A 9 8.56 7.35 -4.20
C VAL A 9 8.76 5.97 -4.83
N THR A 10 9.93 5.76 -5.42
CA THR A 10 10.26 4.50 -6.06
C THR A 10 10.74 3.48 -5.02
N ALA A 11 11.50 3.95 -4.04
CA ALA A 11 12.02 3.10 -2.98
C ALA A 11 10.88 2.57 -2.14
N GLY A 12 9.76 3.26 -2.18
CA GLY A 12 8.59 2.85 -1.43
C GLY A 12 7.52 2.30 -2.35
N LYS A 13 7.70 2.55 -3.64
CA LYS A 13 6.77 2.07 -4.64
C LYS A 13 6.66 0.56 -4.51
N ILE A 14 7.81 -0.07 -4.30
CA ILE A 14 7.87 -1.49 -4.11
C ILE A 14 6.98 -1.92 -2.96
N ALA A 15 7.00 -1.12 -1.90
CA ALA A 15 6.19 -1.41 -0.72
C ALA A 15 4.72 -1.18 -1.02
N SER A 16 4.43 -0.11 -1.75
CA SER A 16 3.07 0.22 -2.13
C SER A 16 2.54 -0.86 -3.07
N ASN A 17 3.48 -1.57 -3.70
CA ASN A 17 3.13 -2.65 -4.62
C ASN A 17 2.65 -3.87 -3.84
N VAL A 18 3.40 -4.23 -2.80
CA VAL A 18 3.04 -5.37 -1.97
C VAL A 18 1.82 -5.03 -1.12
N GLN A 19 1.67 -3.75 -0.81
CA GLN A 19 0.55 -3.28 -0.01
C GLN A 19 -0.76 -3.48 -0.78
N LYS A 20 -0.67 -3.42 -2.10
CA LYS A 20 -1.84 -3.60 -2.95
C LYS A 20 -2.38 -5.02 -2.79
N LYS A 21 -1.46 -5.95 -2.55
CA LYS A 21 -1.82 -7.35 -2.36
C LYS A 21 -2.50 -7.52 -1.01
N LEU A 22 -2.29 -6.55 -0.13
CA LEU A 22 -2.88 -6.56 1.20
C LEU A 22 -4.32 -6.04 1.14
N THR A 23 -4.59 -5.19 0.17
CA THR A 23 -5.91 -4.61 -0.03
C THR A 23 -6.92 -5.68 -0.39
N ARG A 24 -6.55 -6.57 -1.31
CA ARG A 24 -7.43 -7.65 -1.73
C ARG A 24 -7.94 -8.41 -0.52
N ALA A 25 -7.04 -8.61 0.44
CA ALA A 25 -7.37 -9.30 1.67
C ALA A 25 -8.14 -8.37 2.59
N GLN A 26 -7.77 -7.08 2.53
CA GLN A 26 -8.40 -6.05 3.33
C GLN A 26 -9.90 -5.96 3.02
N GLU A 27 -10.25 -6.28 1.79
CA GLU A 27 -11.65 -6.24 1.36
C GLU A 27 -12.44 -7.40 1.95
N LYS A 28 -11.80 -8.56 2.04
CA LYS A 28 -12.43 -9.75 2.56
C LYS A 28 -12.97 -9.52 3.97
N VAL A 29 -12.10 -9.06 4.86
CA VAL A 29 -12.46 -8.79 6.24
C VAL A 29 -13.55 -7.72 6.34
N LEU A 30 -13.44 -6.70 5.51
CA LEU A 30 -14.40 -5.59 5.51
C LEU A 30 -15.83 -6.07 5.23
N GLN A 31 -15.96 -7.18 4.52
CA GLN A 31 -17.28 -7.70 4.18
C GLN A 31 -17.85 -8.58 5.28
N LYS A 32 -16.98 -9.17 6.09
CA LYS A 32 -17.41 -10.04 7.18
C LYS A 32 -17.49 -9.29 8.50
N LEU A 33 -16.79 -8.17 8.58
CA LEU A 33 -16.78 -7.36 9.79
C LEU A 33 -17.97 -6.42 9.80
N TYR A 34 -18.24 -5.83 8.65
CA TYR A 34 -19.35 -4.89 8.50
C TYR A 34 -20.45 -5.48 7.62
N MET A 1 -6.02 13.84 8.07
CA MET A 1 -5.11 13.48 6.95
C MET A 1 -4.11 14.60 6.68
N ALA A 2 -3.00 14.25 6.06
CA ALA A 2 -1.95 15.21 5.74
C ALA A 2 -1.57 15.14 4.27
N GLU A 3 -0.86 16.17 3.79
CA GLU A 3 -0.43 16.21 2.40
C GLU A 3 1.00 16.71 2.29
N MET A 4 1.96 15.78 2.37
CA MET A 4 3.37 16.12 2.29
C MET A 4 3.88 15.93 0.86
N GLY A 5 5.02 16.55 0.56
CA GLY A 5 5.59 16.44 -0.78
C GLY A 5 5.77 15.00 -1.22
N SER A 6 6.92 14.43 -0.90
CA SER A 6 7.21 13.04 -1.26
C SER A 6 8.46 12.53 -0.55
N LYS A 7 8.23 11.88 0.59
CA LYS A 7 9.33 11.32 1.38
C LYS A 7 9.34 9.80 1.32
N GLY A 8 8.45 9.26 0.49
CA GLY A 8 8.36 7.82 0.34
C GLY A 8 7.52 7.42 -0.86
N VAL A 9 7.60 8.22 -1.92
CA VAL A 9 6.84 7.95 -3.13
C VAL A 9 7.44 6.78 -3.90
N THR A 10 8.75 6.73 -3.91
CA THR A 10 9.49 5.67 -4.60
C THR A 10 9.99 4.62 -3.62
N ALA A 11 10.46 5.08 -2.46
CA ALA A 11 10.97 4.19 -1.43
C ALA A 11 9.83 3.41 -0.80
N GLY A 12 8.63 3.96 -0.90
CA GLY A 12 7.46 3.30 -0.36
C GLY A 12 6.63 2.69 -1.46
N LYS A 13 6.97 3.04 -2.69
CA LYS A 13 6.27 2.51 -3.85
C LYS A 13 6.34 0.99 -3.82
N ILE A 14 7.53 0.50 -3.48
CA ILE A 14 7.76 -0.93 -3.35
C ILE A 14 6.78 -1.53 -2.36
N ALA A 15 6.53 -0.79 -1.27
CA ALA A 15 5.61 -1.23 -0.25
C ALA A 15 4.18 -1.21 -0.76
N SER A 16 3.83 -0.16 -1.50
CA SER A 16 2.51 -0.04 -2.07
C SER A 16 2.28 -1.18 -3.06
N ASN A 17 3.38 -1.73 -3.55
CA ASN A 17 3.32 -2.83 -4.51
C ASN A 17 2.94 -4.13 -3.80
N VAL A 18 3.60 -4.38 -2.66
CA VAL A 18 3.33 -5.57 -1.88
C VAL A 18 1.98 -5.45 -1.17
N GLN A 19 1.61 -4.21 -0.86
CA GLN A 19 0.35 -3.95 -0.19
C GLN A 19 -0.82 -4.30 -1.10
N LYS A 20 -0.64 -4.13 -2.40
CA LYS A 20 -1.68 -4.44 -3.37
C LYS A 20 -2.03 -5.93 -3.28
N LYS A 21 -1.02 -6.74 -2.97
CA LYS A 21 -1.21 -8.17 -2.84
C LYS A 21 -2.00 -8.49 -1.57
N LEU A 22 -1.94 -7.56 -0.61
CA LEU A 22 -2.64 -7.73 0.66
C LEU A 22 -4.05 -7.16 0.57
N THR A 23 -4.23 -6.18 -0.29
CA THR A 23 -5.52 -5.53 -0.48
C THR A 23 -6.61 -6.55 -0.77
N ARG A 24 -6.33 -7.48 -1.68
CA ARG A 24 -7.29 -8.51 -2.05
C ARG A 24 -7.81 -9.22 -0.81
N ALA A 25 -6.89 -9.48 0.12
CA ALA A 25 -7.23 -10.14 1.37
C ALA A 25 -7.91 -9.16 2.31
N GLN A 26 -7.49 -7.90 2.21
CA GLN A 26 -8.03 -6.83 3.03
C GLN A 26 -9.49 -6.54 2.66
N GLU A 27 -9.83 -6.79 1.39
CA GLU A 27 -11.18 -6.55 0.91
C GLU A 27 -12.18 -7.51 1.54
N LYS A 28 -11.78 -8.77 1.64
CA LYS A 28 -12.63 -9.80 2.20
C LYS A 28 -13.02 -9.48 3.65
N VAL A 29 -12.03 -9.17 4.46
CA VAL A 29 -12.25 -8.84 5.87
C VAL A 29 -13.01 -7.53 6.04
N LEU A 30 -12.64 -6.53 5.26
CA LEU A 30 -13.29 -5.22 5.33
C LEU A 30 -14.80 -5.32 5.15
N GLN A 31 -15.25 -6.33 4.41
CA GLN A 31 -16.67 -6.53 4.16
C GLN A 31 -17.41 -6.98 5.41
N LYS A 32 -16.69 -7.66 6.29
CA LYS A 32 -17.27 -8.16 7.53
C LYS A 32 -16.79 -7.35 8.73
N LEU A 33 -15.83 -6.46 8.49
CA LEU A 33 -15.27 -5.64 9.55
C LEU A 33 -16.04 -4.32 9.67
N TYR A 34 -16.49 -3.81 8.52
CA TYR A 34 -17.24 -2.57 8.47
C TYR A 34 -18.67 -2.79 7.97
N MET A 1 5.47 19.26 -8.30
CA MET A 1 5.60 19.21 -9.79
C MET A 1 6.25 17.91 -10.24
N ALA A 2 6.31 16.94 -9.33
CA ALA A 2 6.90 15.64 -9.63
C ALA A 2 8.34 15.78 -10.11
N GLU A 3 9.09 16.67 -9.46
CA GLU A 3 10.48 16.89 -9.82
C GLU A 3 11.41 16.57 -8.66
N MET A 4 11.79 15.29 -8.55
CA MET A 4 12.67 14.84 -7.49
C MET A 4 12.32 15.46 -6.14
N GLY A 5 11.31 14.90 -5.49
CA GLY A 5 10.88 15.42 -4.20
C GLY A 5 10.42 14.34 -3.26
N SER A 6 10.77 13.09 -3.57
CA SER A 6 10.39 11.95 -2.74
C SER A 6 11.62 11.28 -2.13
N LYS A 7 12.79 11.64 -2.65
CA LYS A 7 14.07 11.09 -2.20
C LYS A 7 13.97 9.60 -1.88
N GLY A 8 13.11 8.91 -2.62
CA GLY A 8 12.93 7.49 -2.42
C GLY A 8 11.58 6.99 -2.91
N VAL A 9 11.02 7.69 -3.90
CA VAL A 9 9.73 7.30 -4.46
C VAL A 9 9.72 5.82 -4.84
N THR A 10 10.83 5.38 -5.43
CA THR A 10 10.98 3.99 -5.84
C THR A 10 11.22 3.10 -4.62
N ALA A 11 11.94 3.62 -3.64
CA ALA A 11 12.23 2.87 -2.43
C ALA A 11 10.95 2.52 -1.70
N GLY A 12 9.90 3.26 -1.98
CA GLY A 12 8.62 3.01 -1.36
C GLY A 12 7.62 2.49 -2.37
N LYS A 13 7.93 2.67 -3.64
CA LYS A 13 7.08 2.20 -4.70
C LYS A 13 6.87 0.70 -4.52
N ILE A 14 7.95 0.03 -4.12
CA ILE A 14 7.91 -1.39 -3.85
C ILE A 14 6.87 -1.70 -2.78
N ALA A 15 6.80 -0.81 -1.79
CA ALA A 15 5.85 -0.95 -0.70
C ALA A 15 4.43 -0.73 -1.18
N SER A 16 4.26 0.32 -1.99
CA SER A 16 2.95 0.63 -2.54
C SER A 16 2.46 -0.55 -3.37
N ASN A 17 3.41 -1.35 -3.84
CA ASN A 17 3.09 -2.52 -4.65
C ASN A 17 2.53 -3.64 -3.77
N VAL A 18 3.20 -3.89 -2.65
CA VAL A 18 2.77 -4.91 -1.72
C VAL A 18 1.49 -4.48 -1.01
N GLN A 19 1.34 -3.16 -0.86
CA GLN A 19 0.17 -2.60 -0.21
C GLN A 19 -1.09 -2.92 -1.00
N LYS A 20 -0.93 -3.07 -2.32
CA LYS A 20 -2.05 -3.40 -3.18
C LYS A 20 -2.58 -4.78 -2.83
N LYS A 21 -1.66 -5.67 -2.49
CA LYS A 21 -2.02 -7.03 -2.12
C LYS A 21 -2.69 -7.04 -0.75
N LEU A 22 -2.55 -5.92 -0.03
CA LEU A 22 -3.14 -5.80 1.29
C LEU A 22 -4.64 -5.48 1.19
N THR A 23 -4.98 -4.63 0.22
CA THR A 23 -6.36 -4.24 -0.02
C THR A 23 -7.23 -5.45 -0.33
N ARG A 24 -6.75 -6.31 -1.23
CA ARG A 24 -7.49 -7.50 -1.61
C ARG A 24 -7.87 -8.30 -0.37
N ALA A 25 -6.93 -8.36 0.57
CA ALA A 25 -7.15 -9.05 1.83
C ALA A 25 -8.04 -8.22 2.74
N GLN A 26 -7.87 -6.91 2.63
CA GLN A 26 -8.63 -5.97 3.44
C GLN A 26 -10.12 -6.04 3.10
N GLU A 27 -10.42 -6.42 1.86
CA GLU A 27 -11.80 -6.54 1.41
C GLU A 27 -12.48 -7.75 2.05
N LYS A 28 -11.71 -8.81 2.23
CA LYS A 28 -12.21 -10.03 2.82
C LYS A 28 -12.71 -9.80 4.24
N VAL A 29 -11.82 -9.25 5.08
CA VAL A 29 -12.14 -8.97 6.47
C VAL A 29 -13.32 -8.01 6.61
N LEU A 30 -13.34 -6.99 5.75
CA LEU A 30 -14.39 -5.98 5.77
C LEU A 30 -15.76 -6.56 5.41
N GLN A 31 -15.77 -7.55 4.52
CA GLN A 31 -17.02 -8.16 4.10
C GLN A 31 -17.54 -9.19 5.10
N LYS A 32 -16.65 -9.75 5.89
CA LYS A 32 -17.02 -10.75 6.89
C LYS A 32 -17.31 -10.11 8.24
N LEU A 33 -16.72 -8.95 8.48
CA LEU A 33 -16.92 -8.24 9.75
C LEU A 33 -18.07 -7.25 9.62
N TYR A 34 -18.16 -6.61 8.47
CA TYR A 34 -19.21 -5.64 8.21
C TYR A 34 -20.13 -6.10 7.08
N MET A 1 15.75 4.77 6.92
CA MET A 1 16.38 6.06 6.54
C MET A 1 15.87 6.52 5.17
N ALA A 2 15.30 7.72 5.14
CA ALA A 2 14.76 8.29 3.90
C ALA A 2 14.59 9.79 4.02
N GLU A 3 13.89 10.38 3.05
CA GLU A 3 13.64 11.82 3.04
C GLU A 3 12.65 12.20 4.14
N MET A 4 12.13 13.43 4.06
CA MET A 4 11.18 13.91 5.05
C MET A 4 9.92 13.04 5.08
N GLY A 5 9.39 12.73 3.90
CA GLY A 5 8.21 11.90 3.81
C GLY A 5 7.96 11.39 2.41
N SER A 6 7.47 12.27 1.53
CA SER A 6 7.18 11.91 0.15
C SER A 6 6.26 10.70 0.07
N LYS A 7 5.53 10.46 1.16
CA LYS A 7 4.59 9.35 1.25
C LYS A 7 5.13 8.07 0.61
N GLY A 8 6.43 7.84 0.78
CA GLY A 8 7.06 6.66 0.21
C GLY A 8 6.72 6.47 -1.25
N VAL A 9 6.77 7.55 -2.02
CA VAL A 9 6.47 7.49 -3.44
C VAL A 9 7.42 6.55 -4.16
N THR A 10 8.69 6.59 -3.79
CA THR A 10 9.71 5.75 -4.41
C THR A 10 10.11 4.58 -3.53
N ALA A 11 10.62 4.89 -2.34
CA ALA A 11 11.07 3.88 -1.40
C ALA A 11 9.90 3.12 -0.81
N GLY A 12 8.71 3.67 -0.96
CA GLY A 12 7.52 3.02 -0.45
C GLY A 12 6.69 2.46 -1.57
N LYS A 13 7.05 2.83 -2.81
CA LYS A 13 6.35 2.34 -3.97
C LYS A 13 6.37 0.81 -3.95
N ILE A 14 7.51 0.28 -3.56
CA ILE A 14 7.70 -1.14 -3.43
C ILE A 14 6.72 -1.71 -2.41
N ALA A 15 6.48 -0.94 -1.36
CA ALA A 15 5.56 -1.36 -0.30
C ALA A 15 4.12 -1.34 -0.80
N SER A 16 3.78 -0.29 -1.54
CA SER A 16 2.43 -0.17 -2.09
C SER A 16 2.20 -1.30 -3.09
N ASN A 17 3.30 -1.86 -3.58
CA ASN A 17 3.23 -2.95 -4.54
C ASN A 17 2.82 -4.24 -3.84
N VAL A 18 3.45 -4.52 -2.70
CA VAL A 18 3.14 -5.71 -1.94
C VAL A 18 1.80 -5.56 -1.25
N GLN A 19 1.45 -4.31 -0.91
CA GLN A 19 0.19 -4.03 -0.25
C GLN A 19 -0.98 -4.22 -1.21
N LYS A 20 -0.76 -3.91 -2.48
CA LYS A 20 -1.79 -4.06 -3.49
C LYS A 20 -2.22 -5.51 -3.58
N LYS A 21 -1.25 -6.41 -3.41
CA LYS A 21 -1.52 -7.84 -3.44
C LYS A 21 -2.30 -8.25 -2.21
N LEU A 22 -2.23 -7.42 -1.17
CA LEU A 22 -2.93 -7.67 0.08
C LEU A 22 -4.32 -7.05 0.04
N THR A 23 -4.46 -5.94 -0.67
CA THR A 23 -5.73 -5.25 -0.79
C THR A 23 -6.85 -6.21 -1.14
N ARG A 24 -6.59 -7.11 -2.08
CA ARG A 24 -7.58 -8.10 -2.49
C ARG A 24 -8.10 -8.84 -1.27
N ALA A 25 -7.19 -9.15 -0.36
CA ALA A 25 -7.54 -9.84 0.88
C ALA A 25 -8.19 -8.86 1.85
N GLN A 26 -7.72 -7.62 1.80
CA GLN A 26 -8.24 -6.56 2.65
C GLN A 26 -9.69 -6.27 2.33
N GLU A 27 -10.08 -6.51 1.09
CA GLU A 27 -11.45 -6.28 0.65
C GLU A 27 -12.40 -7.26 1.31
N LYS A 28 -11.93 -8.49 1.51
CA LYS A 28 -12.73 -9.53 2.13
C LYS A 28 -13.04 -9.21 3.59
N VAL A 29 -11.99 -8.96 4.37
CA VAL A 29 -12.13 -8.63 5.78
C VAL A 29 -12.97 -7.37 5.98
N LEU A 30 -12.75 -6.38 5.12
CA LEU A 30 -13.47 -5.12 5.19
C LEU A 30 -14.98 -5.34 5.23
N GLN A 31 -15.43 -6.44 4.63
CA GLN A 31 -16.85 -6.76 4.58
C GLN A 31 -17.35 -7.26 5.93
N LYS A 32 -16.48 -7.92 6.67
CA LYS A 32 -16.84 -8.47 7.98
C LYS A 32 -16.32 -7.60 9.11
N LEU A 33 -15.55 -6.57 8.77
CA LEU A 33 -14.98 -5.67 9.75
C LEU A 33 -15.83 -4.41 9.88
N TYR A 34 -16.43 -4.02 8.75
CA TYR A 34 -17.27 -2.82 8.72
C TYR A 34 -18.69 -3.19 8.30
#